data_6VH1
#
_entry.id   6VH1
#
_cell.length_a   76.063
_cell.length_b   91.241
_cell.length_c   100.352
_cell.angle_alpha   90.000
_cell.angle_beta   90.000
_cell.angle_gamma   90.000
#
_symmetry.space_group_name_H-M   'P 21 21 21'
#
loop_
_entity.id
_entity.type
_entity.pdbx_description
1 polymer 'Orf1a protein'
2 non-polymer N~2~-{[(4,4-difluorocyclohexyl)oxy]carbonyl}-N-{(2S)-1-hydroxy-3-[(3S)-2-oxopyrrolidin-3-yl]propan-2-yl}-L-leucinamide
3 water water
#
_entity_poly.entity_id   1
_entity_poly.type   'polypeptide(L)'
_entity_poly.pdbx_seq_one_letter_code
;MHHHHHHSGLVKMSHPSGDVEACMVQVTCGSMTLNGLWLDNTVWCPRHVMCPADQLSDPNYDALLISMTNHSFSVQKHIG
APANLRVVGHAMQGTLLKLTVDVANPSTPAYTFTTVKPGAAFSVLACYNGRPTGTFTVVMRPNYTIKGSFLCGSCGSVGY
TKEGSVINFCYMHQMELANGTHTGSAFDGTMYGAFMDKQVHQVQLTDKYCSVNVVAWLYAAILNGCAWFVKPNRTSVVSF
NEWALANQFTEFVGTQSVDMLAVKTGVAIEQLLYAIQQLYTGFQGKQILGSTMLEDEFTPEDVNMQIMGVVMQ
;
_entity_poly.pdbx_strand_id   A,B
#
loop_
_chem_comp.id
_chem_comp.type
_chem_comp.name
_chem_comp.formula
QZ7 non-polymer N~2~-{[(4,4-difluorocyclohexyl)oxy]carbonyl}-N-{(2S)-1-hydroxy-3-[(3S)-2-oxopyrrolidin-3-yl]propan-2-yl}-L-leucinamide 'C20 H33 F2 N3 O5'
#
# COMPACT_ATOMS: atom_id res chain seq x y z
N HIS A 6 -8.55 -20.18 -0.90
CA HIS A 6 -7.32 -19.76 -0.14
C HIS A 6 -6.70 -18.42 -0.60
N HIS A 7 -6.92 -17.37 0.21
CA HIS A 7 -6.20 -16.11 0.05
C HIS A 7 -4.70 -16.39 0.10
N SER A 8 -3.99 -16.03 -0.96
CA SER A 8 -2.56 -16.30 -1.03
C SER A 8 -1.75 -15.41 -0.11
N GLY A 9 -2.32 -14.28 0.33
CA GLY A 9 -1.56 -13.29 1.05
C GLY A 9 -0.64 -12.48 0.16
N LEU A 10 -0.83 -12.54 -1.16
CA LEU A 10 -0.08 -11.69 -2.07
C LEU A 10 -0.79 -10.36 -2.13
N VAL A 11 -0.17 -9.32 -1.59
CA VAL A 11 -0.78 -7.99 -1.60
C VAL A 11 0.27 -6.97 -2.01
N LYS A 12 -0.21 -5.78 -2.35
CA LYS A 12 0.65 -4.66 -2.73
C LYS A 12 1.17 -4.08 -1.45
N MET A 13 2.42 -4.38 -1.14
CA MET A 13 3.06 -4.01 0.12
C MET A 13 4.08 -2.93 -0.14
N SER A 14 4.11 -1.93 0.74
CA SER A 14 5.05 -0.82 0.65
C SER A 14 6.08 -0.89 1.78
N HIS A 15 7.18 -0.18 1.61
CA HIS A 15 8.16 -0.06 2.70
C HIS A 15 7.65 0.89 3.79
N PRO A 16 7.90 0.60 5.07
CA PRO A 16 7.72 1.63 6.11
C PRO A 16 8.39 2.91 5.68
N SER A 17 7.64 3.99 5.71
CA SER A 17 8.04 5.25 5.11
C SER A 17 8.73 6.18 6.11
N GLY A 18 8.81 5.81 7.38
CA GLY A 18 9.27 6.75 8.40
C GLY A 18 10.59 7.41 8.04
N ASP A 19 11.58 6.61 7.65
CA ASP A 19 12.85 7.16 7.20
C ASP A 19 12.63 8.32 6.23
N VAL A 20 11.82 8.12 5.20
CA VAL A 20 11.69 9.13 4.16
C VAL A 20 10.85 10.30 4.65
N GLU A 21 9.82 10.03 5.45
CA GLU A 21 9.01 11.15 5.96
C GLU A 21 9.89 12.25 6.53
N ALA A 22 10.95 11.84 7.20
CA ALA A 22 11.77 12.75 7.97
C ALA A 22 12.56 13.67 7.07
N CYS A 23 12.62 13.39 5.78
CA CYS A 23 13.36 14.21 4.87
C CYS A 23 12.49 15.14 4.06
N MET A 24 11.17 15.00 4.11
CA MET A 24 10.31 15.76 3.24
C MET A 24 10.21 17.20 3.74
N VAL A 25 10.37 18.15 2.82
CA VAL A 25 10.20 19.56 3.12
C VAL A 25 9.31 20.21 2.05
N GLN A 26 8.90 21.43 2.35
CA GLN A 26 8.28 22.27 1.36
C GLN A 26 9.30 23.23 0.75
N VAL A 27 9.25 23.39 -0.57
CA VAL A 27 10.11 24.33 -1.27
C VAL A 27 9.21 25.33 -1.96
N THR A 28 9.46 26.61 -1.71
CA THR A 28 8.68 27.67 -2.31
C THR A 28 9.60 28.62 -3.07
N CYS A 29 9.08 29.11 -4.20
CA CYS A 29 9.79 30.02 -5.10
C CYS A 29 8.78 31.00 -5.62
N GLY A 30 8.90 32.24 -5.19
CA GLY A 30 7.91 33.25 -5.50
C GLY A 30 6.50 32.81 -5.22
N SER A 31 5.89 32.15 -6.19
CA SER A 31 4.47 31.92 -6.21
C SER A 31 4.09 30.43 -6.34
N MET A 32 5.03 29.59 -6.73
CA MET A 32 4.85 28.14 -6.81
C MET A 32 5.28 27.49 -5.50
N THR A 33 4.71 26.32 -5.21
CA THR A 33 5.21 25.57 -4.09
C THR A 33 5.06 24.07 -4.33
N LEU A 34 5.99 23.30 -3.77
CA LEU A 34 5.96 21.87 -3.94
C LEU A 34 6.91 21.22 -2.95
N ASN A 35 6.97 19.90 -3.00
CA ASN A 35 7.77 19.15 -2.06
C ASN A 35 9.21 19.07 -2.52
N GLY A 36 10.12 18.91 -1.55
CA GLY A 36 11.48 18.51 -1.82
C GLY A 36 11.99 17.54 -0.77
N LEU A 37 13.21 17.07 -1.03
CA LEU A 37 13.83 15.99 -0.29
C LEU A 37 15.13 16.52 0.33
N TRP A 38 15.21 16.50 1.64
CA TRP A 38 16.25 17.20 2.42
C TRP A 38 17.20 16.14 2.93
N LEU A 39 18.33 16.00 2.27
CA LEU A 39 19.34 15.01 2.62
C LEU A 39 20.62 15.76 2.99
N ASP A 40 21.11 15.53 4.21
CA ASP A 40 22.26 16.28 4.70
C ASP A 40 22.09 17.78 4.49
N ASN A 41 22.94 18.39 3.67
CA ASN A 41 22.90 19.83 3.45
C ASN A 41 22.14 20.21 2.17
N THR A 42 21.47 19.26 1.51
CA THR A 42 20.95 19.43 0.17
C THR A 42 19.44 19.20 0.12
N VAL A 43 18.72 20.11 -0.53
CA VAL A 43 17.30 19.95 -0.75
C VAL A 43 17.08 19.74 -2.24
N TRP A 44 16.46 18.63 -2.59
CA TRP A 44 16.16 18.35 -3.98
C TRP A 44 14.70 18.67 -4.26
N CYS A 45 14.45 19.33 -5.38
CA CYS A 45 13.05 19.50 -5.81
C CYS A 45 13.04 19.66 -7.33
N PRO A 46 11.85 19.60 -7.92
CA PRO A 46 11.74 19.77 -9.37
C PRO A 46 11.96 21.22 -9.75
N ARG A 47 12.63 21.42 -10.87
CA ARG A 47 12.95 22.78 -11.29
C ARG A 47 11.72 23.59 -11.65
N HIS A 48 10.61 22.94 -12.03
CA HIS A 48 9.50 23.77 -12.46
C HIS A 48 8.88 24.56 -11.32
N VAL A 49 9.40 24.44 -10.10
CA VAL A 49 9.03 25.40 -9.07
C VAL A 49 9.47 26.82 -9.43
N MET A 50 10.47 26.98 -10.30
CA MET A 50 10.90 28.31 -10.72
C MET A 50 9.92 29.00 -11.65
N CYS A 51 8.91 28.27 -12.13
CA CYS A 51 8.16 28.70 -13.29
C CYS A 51 6.79 29.19 -12.86
N PRO A 52 6.39 30.42 -13.18
CA PRO A 52 5.02 30.83 -12.84
C PRO A 52 4.02 30.07 -13.71
N ALA A 53 2.77 30.01 -13.24
CA ALA A 53 1.73 29.37 -14.04
C ALA A 53 1.71 29.93 -15.47
N ASP A 54 1.60 31.25 -15.58
CA ASP A 54 1.60 31.93 -16.87
C ASP A 54 2.39 31.18 -17.92
N GLN A 55 3.61 30.77 -17.58
CA GLN A 55 4.61 30.41 -18.58
C GLN A 55 4.94 28.92 -18.57
N LEU A 56 3.99 28.06 -18.24
CA LEU A 56 4.30 26.65 -18.06
C LEU A 56 4.42 25.83 -19.34
N SER A 57 3.89 26.29 -20.47
CA SER A 57 3.97 25.43 -21.66
C SER A 57 5.38 25.41 -22.26
N ASP A 58 6.10 26.53 -22.25
CA ASP A 58 7.46 26.56 -22.78
C ASP A 58 8.36 27.41 -21.89
N PRO A 59 8.84 26.83 -20.80
CA PRO A 59 9.67 27.60 -19.88
C PRO A 59 11.12 27.55 -20.31
N ASN A 60 11.81 28.64 -20.07
CA ASN A 60 13.24 28.71 -20.38
C ASN A 60 13.99 28.47 -19.08
N TYR A 61 14.35 27.22 -18.84
CA TYR A 61 14.83 26.87 -17.53
C TYR A 61 16.19 27.49 -17.25
N ASP A 62 17.04 27.62 -18.28
CA ASP A 62 18.36 28.20 -18.04
C ASP A 62 18.24 29.68 -17.69
N ALA A 63 17.31 30.39 -18.32
CA ALA A 63 17.16 31.80 -17.99
C ALA A 63 16.53 31.96 -16.63
N LEU A 64 15.54 31.11 -16.33
CA LEU A 64 14.92 31.16 -15.02
C LEU A 64 15.96 31.03 -13.92
N LEU A 65 16.78 29.98 -13.99
CA LEU A 65 17.79 29.74 -12.97
C LEU A 65 18.71 30.95 -12.79
N ILE A 66 19.26 31.44 -13.90
CA ILE A 66 20.08 32.64 -13.89
C ILE A 66 19.37 33.77 -13.17
N SER A 67 18.11 34.00 -13.51
CA SER A 67 17.32 35.05 -12.90
C SER A 67 17.12 34.85 -11.40
N MET A 68 17.61 33.75 -10.84
CA MET A 68 17.30 33.42 -9.46
C MET A 68 18.49 33.70 -8.54
N THR A 69 18.15 33.86 -7.28
CA THR A 69 19.13 33.98 -6.21
C THR A 69 18.65 33.16 -5.02
N ASN A 70 19.60 32.82 -4.15
CA ASN A 70 19.35 32.03 -2.96
C ASN A 70 18.09 32.52 -2.25
N HIS A 71 17.89 33.82 -2.23
CA HIS A 71 16.73 34.35 -1.52
C HIS A 71 15.45 34.20 -2.32
N SER A 72 15.50 33.70 -3.55
CA SER A 72 14.28 33.37 -4.28
C SER A 72 13.58 32.13 -3.71
N PHE A 73 14.32 31.29 -3.02
CA PHE A 73 13.86 29.99 -2.58
C PHE A 73 13.65 30.03 -1.06
N SER A 74 12.44 29.73 -0.64
CA SER A 74 12.12 29.49 0.76
C SER A 74 11.95 27.98 0.97
N VAL A 75 12.56 27.45 2.03
CA VAL A 75 12.44 26.04 2.39
C VAL A 75 11.98 25.93 3.83
N GLN A 76 10.92 25.17 4.05
CA GLN A 76 10.27 25.03 5.34
C GLN A 76 10.01 23.55 5.57
N LYS A 77 9.99 23.16 6.84
CA LYS A 77 9.77 21.78 7.21
C LYS A 77 8.62 21.72 8.20
N HIS A 78 7.59 20.92 7.88
CA HIS A 78 6.46 20.69 8.76
C HIS A 78 6.53 19.31 9.42
N ILE A 79 6.63 18.25 8.62
CA ILE A 79 6.65 16.88 9.14
C ILE A 79 7.79 16.71 10.15
N LEU A 85 14.49 27.11 7.42
CA LEU A 85 15.72 26.72 6.70
C LEU A 85 16.19 27.72 5.60
N ARG A 86 17.43 28.21 5.74
CA ARG A 86 17.96 29.25 4.86
C ARG A 86 18.75 28.64 3.72
N VAL A 87 18.49 29.13 2.52
CA VAL A 87 19.08 28.59 1.30
C VAL A 87 20.30 29.41 0.96
N VAL A 88 21.42 28.72 0.72
CA VAL A 88 22.68 29.43 0.54
C VAL A 88 23.41 28.94 -0.71
N GLY A 89 22.73 28.12 -1.50
CA GLY A 89 23.25 27.69 -2.79
C GLY A 89 22.12 27.19 -3.64
N HIS A 90 22.30 27.29 -4.96
CA HIS A 90 21.29 26.77 -5.88
C HIS A 90 21.94 26.40 -7.19
N ALA A 91 21.72 25.16 -7.60
CA ALA A 91 22.20 24.64 -8.87
C ALA A 91 21.11 23.81 -9.53
N MET A 92 21.26 23.58 -10.84
CA MET A 92 20.36 22.75 -11.60
C MET A 92 21.09 21.49 -12.03
N GLN A 93 20.38 20.36 -12.01
CA GLN A 93 20.90 19.08 -12.48
C GLN A 93 19.77 18.40 -13.27
N GLY A 94 19.83 18.48 -14.59
CA GLY A 94 18.74 17.94 -15.41
C GLY A 94 17.42 18.61 -15.07
N THR A 95 16.43 17.80 -14.73
CA THR A 95 15.11 18.32 -14.42
C THR A 95 14.94 18.71 -12.96
N LEU A 96 16.00 18.66 -12.15
CA LEU A 96 15.91 18.89 -10.71
C LEU A 96 16.71 20.11 -10.24
N LEU A 97 16.28 20.67 -9.12
CA LEU A 97 17.03 21.69 -8.42
C LEU A 97 17.74 21.06 -7.24
N LYS A 98 18.96 21.51 -7.01
CA LYS A 98 19.80 21.10 -5.88
C LYS A 98 20.05 22.36 -5.06
N LEU A 99 19.33 22.51 -3.96
CA LEU A 99 19.40 23.70 -3.14
C LEU A 99 20.28 23.40 -1.92
N THR A 100 21.31 24.22 -1.71
CA THR A 100 22.13 24.03 -0.53
C THR A 100 21.56 24.88 0.59
N VAL A 101 21.35 24.25 1.74
CA VAL A 101 20.83 24.92 2.92
C VAL A 101 21.92 24.86 3.99
N ASP A 102 21.79 25.77 4.98
CA ASP A 102 22.81 25.92 6.02
C ASP A 102 22.76 24.83 7.09
N VAL A 103 21.62 24.17 7.28
CA VAL A 103 21.47 23.12 8.29
C VAL A 103 21.44 21.77 7.59
N ALA A 104 22.34 20.88 8.00
CA ALA A 104 22.31 19.50 7.54
C ALA A 104 21.17 18.74 8.23
N ASN A 105 20.47 17.88 7.48
CA ASN A 105 19.33 17.11 8.05
C ASN A 105 19.91 16.08 9.02
N PRO A 106 19.57 16.14 10.30
CA PRO A 106 20.20 15.18 11.24
C PRO A 106 19.85 13.75 10.91
N SER A 107 18.53 13.50 10.76
CA SER A 107 17.89 12.24 10.44
C SER A 107 18.01 11.85 8.98
N THR A 108 19.03 12.32 8.28
CA THR A 108 19.42 11.76 7.01
C THR A 108 19.71 10.28 7.19
N PRO A 109 19.03 9.38 6.49
CA PRO A 109 19.35 7.96 6.61
C PRO A 109 20.43 7.58 5.62
N ALA A 110 21.05 6.44 5.86
CA ALA A 110 21.90 5.87 4.84
C ALA A 110 21.10 5.73 3.57
N TYR A 111 21.67 6.17 2.45
CA TYR A 111 20.91 6.19 1.21
C TYR A 111 21.83 6.01 0.02
N THR A 112 21.21 5.77 -1.13
CA THR A 112 21.89 5.85 -2.42
C THR A 112 20.91 6.27 -3.50
N PHE A 113 21.44 6.56 -4.67
CA PHE A 113 20.63 6.93 -5.81
C PHE A 113 20.74 5.82 -6.84
N THR A 114 19.61 5.32 -7.27
CA THR A 114 19.58 4.37 -8.35
C THR A 114 18.53 4.78 -9.35
N THR A 115 18.71 4.31 -10.55
CA THR A 115 17.73 4.41 -11.60
C THR A 115 17.14 3.02 -11.76
N VAL A 116 15.84 2.92 -11.63
CA VAL A 116 15.17 1.63 -11.70
C VAL A 116 14.88 1.36 -13.16
N LYS A 117 14.79 0.07 -13.51
CA LYS A 117 14.48 -0.42 -14.84
C LYS A 117 13.07 -0.99 -14.90
N PRO A 118 12.41 -0.96 -16.06
CA PRO A 118 11.03 -1.45 -16.15
C PRO A 118 10.90 -2.82 -15.54
N GLY A 119 9.79 -3.02 -14.85
CA GLY A 119 9.52 -4.26 -14.14
C GLY A 119 9.76 -4.19 -12.66
N ALA A 120 10.57 -3.23 -12.20
CA ALA A 120 10.92 -3.11 -10.78
C ALA A 120 9.86 -2.31 -10.02
N ALA A 121 9.61 -2.76 -8.80
CA ALA A 121 8.70 -2.08 -7.87
C ALA A 121 9.44 -1.10 -6.97
N PHE A 122 8.75 -0.02 -6.61
CA PHE A 122 9.24 0.85 -5.57
C PHE A 122 8.07 1.53 -4.85
N SER A 123 8.38 1.99 -3.65
CA SER A 123 7.43 2.68 -2.80
C SER A 123 7.49 4.17 -3.07
N VAL A 124 6.33 4.80 -3.03
CA VAL A 124 6.16 6.23 -3.20
C VAL A 124 5.57 6.82 -1.93
N LEU A 125 6.09 7.97 -1.51
CA LEU A 125 5.55 8.74 -0.40
C LEU A 125 4.90 9.98 -1.01
N ALA A 126 3.60 9.91 -1.23
CA ALA A 126 2.87 11.04 -1.78
C ALA A 126 2.82 12.16 -0.72
N CYS A 127 3.35 13.35 -1.06
CA CYS A 127 3.29 14.53 -0.20
C CYS A 127 2.62 15.70 -0.89
N TYR A 128 2.00 16.56 -0.06
CA TYR A 128 1.40 17.82 -0.48
C TYR A 128 1.82 18.88 0.53
N ASN A 129 2.50 19.93 0.05
CA ASN A 129 2.92 21.06 0.89
C ASN A 129 3.85 20.63 2.00
N GLY A 130 4.75 19.69 1.71
CA GLY A 130 5.65 19.20 2.72
C GLY A 130 5.09 18.18 3.69
N ARG A 131 3.78 17.91 3.69
CA ARG A 131 3.23 16.92 4.62
C ARG A 131 2.98 15.58 3.94
N PRO A 132 3.68 14.52 4.35
CA PRO A 132 3.38 13.18 3.81
C PRO A 132 1.94 12.78 4.08
N THR A 133 1.24 12.40 3.02
CA THR A 133 -0.17 12.08 3.16
C THR A 133 -0.50 10.65 2.80
N GLY A 134 0.38 9.95 2.11
CA GLY A 134 0.03 8.61 1.71
C GLY A 134 1.20 7.87 1.14
N THR A 135 1.19 6.54 1.24
CA THR A 135 2.19 5.70 0.60
C THR A 135 1.51 4.56 -0.15
N PHE A 136 2.15 4.12 -1.22
CA PHE A 136 1.66 3.08 -2.13
C PHE A 136 2.81 2.59 -2.97
N THR A 137 2.68 1.37 -3.51
CA THR A 137 3.70 0.77 -4.36
C THR A 137 3.33 0.84 -5.83
N VAL A 138 4.33 1.15 -6.66
CA VAL A 138 4.16 1.20 -8.09
C VAL A 138 5.21 0.31 -8.74
N VAL A 139 4.99 0.09 -10.04
CA VAL A 139 5.88 -0.66 -10.90
C VAL A 139 6.21 0.22 -12.08
N MET A 140 7.50 0.35 -12.39
CA MET A 140 7.90 1.19 -13.53
C MET A 140 7.53 0.42 -14.79
N ARG A 141 6.59 0.94 -15.56
CA ARG A 141 6.14 0.21 -16.75
C ARG A 141 7.25 0.20 -17.79
N PRO A 142 7.15 -0.70 -18.77
CA PRO A 142 8.05 -0.66 -19.93
C PRO A 142 7.95 0.60 -20.76
N ASN A 143 6.89 1.38 -20.64
CA ASN A 143 6.84 2.65 -21.32
C ASN A 143 7.27 3.77 -20.39
N TYR A 144 7.94 3.43 -19.29
CA TYR A 144 8.53 4.42 -18.38
C TYR A 144 7.50 5.39 -17.82
N THR A 145 6.32 4.88 -17.50
CA THR A 145 5.33 5.59 -16.70
C THR A 145 5.02 4.69 -15.53
N ILE A 146 4.32 5.26 -14.54
CA ILE A 146 3.81 4.55 -13.40
C ILE A 146 2.37 4.97 -13.20
N LYS A 147 1.68 4.23 -12.35
CA LYS A 147 0.27 4.49 -12.09
C LYS A 147 0.12 5.32 -10.83
N GLY A 148 -0.26 4.74 -9.71
CA GLY A 148 -0.31 5.55 -8.48
C GLY A 148 -1.39 6.64 -8.45
N SER A 149 -1.34 7.45 -7.38
CA SER A 149 -2.32 8.52 -7.12
C SER A 149 -1.55 9.81 -6.86
N PHE A 150 -1.64 10.77 -7.77
CA PHE A 150 -0.95 12.04 -7.63
C PHE A 150 -1.91 13.16 -8.06
N LEU A 151 -2.07 14.15 -7.20
CA LEU A 151 -2.96 15.27 -7.47
C LEU A 151 -2.13 16.56 -7.56
N CYS A 152 -2.80 17.68 -7.78
CA CYS A 152 -2.09 18.94 -7.80
C CYS A 152 -1.34 19.07 -6.49
N GLY A 153 -0.12 19.60 -6.55
CA GLY A 153 0.70 19.76 -5.36
C GLY A 153 1.55 18.56 -5.00
N SER A 154 1.44 17.45 -5.73
CA SER A 154 2.23 16.31 -5.34
C SER A 154 3.63 16.32 -5.89
N CYS A 155 4.03 17.28 -6.72
CA CYS A 155 5.38 17.20 -7.27
C CYS A 155 6.41 17.35 -6.14
N GLY A 156 7.55 16.69 -6.31
CA GLY A 156 8.45 16.51 -5.21
C GLY A 156 8.29 15.23 -4.44
N SER A 157 7.11 14.61 -4.47
CA SER A 157 6.95 13.30 -3.85
C SER A 157 8.03 12.36 -4.39
N VAL A 158 8.47 11.44 -3.55
CA VAL A 158 9.64 10.64 -3.89
C VAL A 158 9.33 9.17 -3.77
N GLY A 159 10.06 8.41 -4.59
CA GLY A 159 9.94 6.96 -4.62
C GLY A 159 11.30 6.37 -4.35
N TYR A 160 11.29 5.19 -3.71
CA TYR A 160 12.47 4.56 -3.16
C TYR A 160 12.26 3.07 -3.00
N THR A 161 13.37 2.34 -3.01
CA THR A 161 13.47 0.99 -2.49
C THR A 161 14.33 1.02 -1.24
N LYS A 162 14.38 -0.15 -0.59
CA LYS A 162 15.24 -0.41 0.55
C LYS A 162 16.01 -1.70 0.24
N GLU A 163 17.34 -1.66 0.37
CA GLU A 163 18.22 -2.83 0.49
C GLU A 163 18.91 -2.68 1.84
N GLY A 164 18.26 -3.15 2.90
CA GLY A 164 18.80 -3.02 4.23
C GLY A 164 18.06 -1.95 5.00
N SER A 165 18.78 -1.17 5.79
CA SER A 165 18.32 0.16 6.17
C SER A 165 18.81 1.20 5.16
N VAL A 166 19.48 0.75 4.10
CA VAL A 166 19.88 1.65 3.02
C VAL A 166 18.68 1.95 2.12
N ILE A 167 18.41 3.23 1.94
CA ILE A 167 17.33 3.71 1.10
C ILE A 167 17.88 4.06 -0.28
N ASN A 168 17.34 3.46 -1.34
CA ASN A 168 17.76 3.78 -2.69
C ASN A 168 16.68 4.67 -3.25
N PHE A 169 16.98 5.96 -3.30
CA PHE A 169 16.07 6.94 -3.83
C PHE A 169 16.12 6.82 -5.33
N CYS A 170 14.97 6.63 -5.97
CA CYS A 170 14.93 6.41 -7.42
C CYS A 170 14.01 7.33 -8.18
N TYR A 171 13.08 8.03 -7.53
CA TYR A 171 12.07 8.76 -8.26
C TYR A 171 11.74 10.08 -7.54
N MET A 172 11.61 11.15 -8.31
CA MET A 172 11.00 12.38 -7.80
C MET A 172 9.91 12.79 -8.79
N HIS A 173 8.67 12.87 -8.29
CA HIS A 173 7.51 12.98 -9.16
C HIS A 173 7.43 14.33 -9.83
N GLN A 174 7.03 14.33 -11.10
CA GLN A 174 6.98 15.54 -11.93
C GLN A 174 5.66 15.79 -12.65
N MET A 175 5.00 14.76 -13.19
CA MET A 175 3.90 15.10 -14.11
C MET A 175 2.92 13.95 -14.30
N GLU A 176 1.74 14.31 -14.77
CA GLU A 176 0.69 13.37 -15.15
C GLU A 176 0.46 13.45 -16.65
N LEU A 177 0.46 12.31 -17.33
CA LEU A 177 0.19 12.32 -18.75
C LEU A 177 -1.30 12.44 -19.04
N ALA A 178 -1.62 12.63 -20.31
CA ALA A 178 -3.02 12.80 -20.68
C ALA A 178 -3.86 11.57 -20.33
N ASN A 179 -3.27 10.38 -20.39
CA ASN A 179 -3.98 9.17 -20.04
C ASN A 179 -4.09 8.93 -18.53
N GLY A 180 -3.64 9.87 -17.68
CA GLY A 180 -3.75 9.71 -16.23
C GLY A 180 -2.63 8.91 -15.57
N THR A 181 -1.66 8.43 -16.32
CA THR A 181 -0.45 7.88 -15.70
C THR A 181 0.57 9.00 -15.44
N HIS A 182 1.72 8.63 -14.88
CA HIS A 182 2.63 9.59 -14.26
C HIS A 182 4.09 9.28 -14.61
N THR A 183 4.95 10.30 -14.47
CA THR A 183 6.39 10.08 -14.54
C THR A 183 7.16 11.17 -13.79
N GLY A 184 8.45 10.92 -13.61
CA GLY A 184 9.28 11.84 -12.87
C GLY A 184 10.74 11.63 -13.16
N SER A 185 11.58 12.27 -12.36
CA SER A 185 13.02 12.24 -12.59
C SER A 185 13.65 11.17 -11.73
N ALA A 186 14.70 10.54 -12.25
CA ALA A 186 15.67 9.93 -11.37
C ALA A 186 16.55 11.03 -10.77
N PHE A 187 17.36 10.67 -9.79
CA PHE A 187 18.09 11.70 -9.08
C PHE A 187 19.36 12.18 -9.81
N ASP A 188 19.86 11.47 -10.79
CA ASP A 188 20.77 12.10 -11.74
C ASP A 188 20.11 13.18 -12.60
N GLY A 189 18.82 13.49 -12.42
CA GLY A 189 18.16 14.57 -13.13
C GLY A 189 17.52 14.23 -14.45
N THR A 190 17.66 12.99 -14.92
CA THR A 190 17.00 12.61 -16.17
C THR A 190 15.55 12.18 -15.94
N MET A 191 14.70 12.46 -16.91
CA MET A 191 13.29 12.08 -16.83
C MET A 191 13.13 10.68 -17.39
N TYR A 192 12.70 9.75 -16.54
CA TYR A 192 12.29 8.43 -17.01
C TYR A 192 11.48 8.55 -18.30
N GLY A 193 11.88 7.77 -19.31
CA GLY A 193 11.18 7.80 -20.58
C GLY A 193 11.31 9.11 -21.33
N ALA A 194 12.33 9.90 -21.03
CA ALA A 194 12.69 11.05 -21.85
C ALA A 194 11.59 12.10 -21.94
N PHE A 195 10.58 12.05 -21.08
CA PHE A 195 9.55 13.08 -21.16
C PHE A 195 10.16 14.43 -20.77
N MET A 196 9.56 15.49 -21.30
CA MET A 196 10.00 16.83 -21.00
C MET A 196 9.18 17.36 -19.84
N ASP A 197 9.83 18.13 -18.98
CA ASP A 197 9.10 18.80 -17.93
C ASP A 197 8.57 20.12 -18.45
N LYS A 198 7.57 20.00 -19.33
CA LYS A 198 6.85 21.14 -19.87
C LYS A 198 5.38 20.77 -20.00
N GLN A 199 4.52 21.78 -19.88
CA GLN A 199 3.10 21.53 -19.85
C GLN A 199 2.60 21.45 -21.29
N VAL A 200 3.03 20.37 -21.95
CA VAL A 200 2.90 20.21 -23.39
C VAL A 200 2.54 18.77 -23.70
N HIS A 201 1.58 18.59 -24.59
CA HIS A 201 1.06 17.26 -24.86
C HIS A 201 2.16 16.33 -25.30
N GLN A 202 2.20 15.16 -24.69
CA GLN A 202 3.26 14.19 -24.91
C GLN A 202 2.63 12.82 -24.73
N VAL A 203 3.14 11.85 -25.47
CA VAL A 203 2.44 10.58 -25.63
C VAL A 203 3.34 9.47 -25.13
N GLN A 204 2.82 8.71 -24.17
CA GLN A 204 3.42 7.45 -23.76
C GLN A 204 3.54 6.50 -24.95
N LEU A 205 4.60 5.70 -24.94
CA LEU A 205 4.66 4.52 -25.79
C LEU A 205 3.69 3.45 -25.30
N THR A 206 3.44 2.47 -26.18
CA THR A 206 2.54 1.38 -25.84
C THR A 206 3.16 0.54 -24.75
N ASP A 207 2.38 0.23 -23.74
CA ASP A 207 2.81 -0.63 -22.66
C ASP A 207 3.00 -2.06 -23.16
N LYS A 208 3.74 -2.85 -22.39
CA LYS A 208 3.96 -4.26 -22.64
C LYS A 208 3.81 -4.99 -21.31
N TYR A 209 3.87 -6.32 -21.34
CA TYR A 209 3.80 -7.13 -20.14
C TYR A 209 5.22 -7.42 -19.66
N CYS A 210 5.43 -7.36 -18.35
CA CYS A 210 6.72 -7.68 -17.76
C CYS A 210 6.78 -9.18 -17.57
N SER A 211 7.48 -9.84 -18.48
CA SER A 211 7.47 -11.29 -18.49
C SER A 211 7.93 -11.85 -17.16
N VAL A 212 9.09 -11.38 -16.66
CA VAL A 212 9.61 -11.91 -15.41
C VAL A 212 8.57 -11.78 -14.30
N ASN A 213 7.83 -10.69 -14.29
CA ASN A 213 6.88 -10.54 -13.21
C ASN A 213 5.70 -11.48 -13.38
N VAL A 214 5.28 -11.76 -14.62
CA VAL A 214 4.22 -12.75 -14.88
C VAL A 214 4.66 -14.12 -14.39
N VAL A 215 5.89 -14.48 -14.70
CA VAL A 215 6.41 -15.75 -14.24
C VAL A 215 6.35 -15.84 -12.72
N ALA A 216 6.72 -14.76 -12.03
CA ALA A 216 6.74 -14.82 -10.57
C ALA A 216 5.36 -15.00 -10.01
N TRP A 217 4.37 -14.41 -10.69
CA TRP A 217 2.98 -14.56 -10.29
C TRP A 217 2.48 -15.97 -10.47
N LEU A 218 2.79 -16.60 -11.61
CA LEU A 218 2.41 -17.99 -11.80
C LEU A 218 3.10 -18.88 -10.77
N TYR A 219 4.32 -18.55 -10.36
CA TYR A 219 4.94 -19.30 -9.28
C TYR A 219 4.15 -19.13 -7.98
N ALA A 220 3.76 -17.91 -7.66
CA ALA A 220 2.93 -17.73 -6.47
C ALA A 220 1.73 -18.65 -6.54
N ALA A 221 1.05 -18.65 -7.68
CA ALA A 221 -0.11 -19.52 -7.85
C ALA A 221 0.24 -20.95 -7.49
N ILE A 222 1.39 -21.44 -7.96
CA ILE A 222 1.77 -22.81 -7.66
C ILE A 222 1.97 -22.99 -6.17
N LEU A 223 2.79 -22.12 -5.54
CA LEU A 223 2.98 -22.23 -4.08
C LEU A 223 1.67 -22.14 -3.33
N ASN A 224 0.65 -21.48 -3.88
CA ASN A 224 -0.65 -21.39 -3.21
C ASN A 224 -1.54 -22.59 -3.52
N GLY A 225 -1.02 -23.60 -4.20
CA GLY A 225 -1.82 -24.75 -4.56
C GLY A 225 -2.81 -24.48 -5.67
N CYS A 226 -2.45 -23.63 -6.62
CA CYS A 226 -3.26 -23.38 -7.80
C CYS A 226 -2.34 -23.58 -9.00
N ALA A 227 -2.03 -24.84 -9.28
CA ALA A 227 -1.01 -25.17 -10.27
C ALA A 227 -1.57 -25.85 -11.50
N TRP A 228 -2.89 -25.81 -11.69
CA TRP A 228 -3.51 -26.57 -12.77
C TRP A 228 -2.92 -26.21 -14.13
N PHE A 229 -2.69 -24.93 -14.39
CA PHE A 229 -2.10 -24.47 -15.64
C PHE A 229 -0.73 -25.04 -15.95
N VAL A 230 -0.15 -25.86 -15.08
CA VAL A 230 1.22 -26.33 -15.25
C VAL A 230 1.21 -27.67 -16.00
N LYS A 231 1.89 -27.69 -17.15
CA LYS A 231 2.06 -28.87 -17.99
C LYS A 231 3.56 -29.05 -18.18
N PRO A 232 4.00 -30.21 -18.68
CA PRO A 232 5.44 -30.42 -18.92
C PRO A 232 5.98 -29.83 -20.21
N ASN A 233 5.20 -28.99 -20.89
CA ASN A 233 5.66 -28.35 -22.11
C ASN A 233 6.53 -27.15 -21.77
N ARG A 234 7.67 -27.03 -22.45
CA ARG A 234 8.73 -26.10 -22.05
C ARG A 234 9.20 -25.31 -23.27
N THR A 235 8.96 -23.99 -23.24
CA THR A 235 9.42 -23.07 -24.26
C THR A 235 10.78 -22.52 -23.87
N SER A 236 11.78 -22.71 -24.74
CA SER A 236 13.11 -22.22 -24.43
C SER A 236 13.08 -20.71 -24.27
N VAL A 237 14.03 -20.18 -23.52
CA VAL A 237 14.10 -18.75 -23.26
C VAL A 237 14.08 -17.98 -24.58
N VAL A 238 15.17 -18.05 -25.34
CA VAL A 238 15.37 -17.15 -26.48
C VAL A 238 14.22 -17.25 -27.47
N SER A 239 13.50 -18.37 -27.44
CA SER A 239 12.34 -18.52 -28.31
C SER A 239 11.16 -17.70 -27.81
N PHE A 240 10.81 -17.88 -26.54
CA PHE A 240 9.82 -17.02 -25.91
C PHE A 240 10.19 -15.56 -26.10
N ASN A 241 11.47 -15.22 -25.96
CA ASN A 241 11.91 -13.87 -26.26
C ASN A 241 11.48 -13.44 -27.65
N GLU A 242 11.96 -14.16 -28.68
CA GLU A 242 11.47 -13.92 -30.03
C GLU A 242 9.95 -13.81 -30.04
N TRP A 243 9.26 -14.78 -29.44
CA TRP A 243 7.81 -14.74 -29.44
C TRP A 243 7.25 -13.43 -28.93
N ALA A 244 7.90 -12.84 -27.92
CA ALA A 244 7.36 -11.69 -27.22
C ALA A 244 7.48 -10.40 -28.03
N LEU A 245 8.59 -10.23 -28.73
CA LEU A 245 8.76 -9.03 -29.55
C LEU A 245 7.52 -8.73 -30.35
N ALA A 246 6.79 -9.76 -30.74
CA ALA A 246 5.62 -9.64 -31.58
C ALA A 246 4.32 -9.61 -30.79
N ASN A 247 4.36 -9.91 -29.49
CA ASN A 247 3.14 -10.05 -28.70
C ASN A 247 3.09 -9.09 -27.53
N GLN A 248 3.87 -8.01 -27.56
CA GLN A 248 3.87 -7.00 -26.52
C GLN A 248 4.24 -7.61 -25.15
N PHE A 249 5.45 -8.13 -25.09
CA PHE A 249 5.98 -8.76 -23.89
C PHE A 249 7.45 -8.37 -23.81
N THR A 250 8.00 -8.34 -22.59
CA THR A 250 9.37 -7.91 -22.38
C THR A 250 10.31 -9.10 -22.48
N GLU A 251 11.53 -8.81 -22.90
CA GLU A 251 12.59 -9.82 -22.84
C GLU A 251 12.56 -10.44 -21.46
N PHE A 252 12.56 -11.78 -21.41
CA PHE A 252 12.59 -12.47 -20.12
C PHE A 252 14.03 -12.69 -19.70
N VAL A 253 14.37 -12.17 -18.52
CA VAL A 253 15.67 -12.35 -17.90
C VAL A 253 15.46 -13.07 -16.58
N GLY A 254 16.15 -14.18 -16.39
CA GLY A 254 16.15 -14.88 -15.13
C GLY A 254 16.90 -14.09 -14.07
N THR A 255 16.73 -14.52 -12.83
CA THR A 255 17.40 -13.93 -11.68
C THR A 255 17.53 -14.99 -10.61
N GLN A 256 18.44 -14.77 -9.66
CA GLN A 256 18.52 -15.66 -8.51
C GLN A 256 17.18 -15.73 -7.80
N SER A 257 16.44 -14.62 -7.78
CA SER A 257 15.13 -14.64 -7.13
C SER A 257 14.19 -15.59 -7.85
N VAL A 258 14.13 -15.51 -9.19
CA VAL A 258 13.25 -16.39 -9.94
C VAL A 258 13.63 -17.84 -9.69
N ASP A 259 14.92 -18.15 -9.79
CA ASP A 259 15.35 -19.54 -9.66
C ASP A 259 14.91 -20.12 -8.33
N MET A 260 15.19 -19.42 -7.25
CA MET A 260 14.71 -19.77 -5.92
C MET A 260 13.26 -20.22 -5.98
N LEU A 261 12.45 -19.54 -6.78
CA LEU A 261 11.04 -19.92 -6.87
C LEU A 261 10.88 -21.28 -7.56
N ALA A 262 11.65 -21.53 -8.61
CA ALA A 262 11.52 -22.83 -9.27
C ALA A 262 11.90 -23.95 -8.30
N VAL A 263 12.92 -23.73 -7.46
CA VAL A 263 13.39 -24.80 -6.59
C VAL A 263 12.52 -24.99 -5.35
N LYS A 264 11.65 -24.03 -5.02
CA LYS A 264 10.61 -24.28 -4.03
C LYS A 264 9.37 -24.95 -4.63
N THR A 265 9.07 -24.68 -5.90
CA THR A 265 7.95 -25.32 -6.57
C THR A 265 8.36 -26.53 -7.41
N GLY A 266 9.61 -26.62 -7.83
CA GLY A 266 9.98 -27.68 -8.76
C GLY A 266 9.23 -27.59 -10.06
N VAL A 267 9.07 -26.37 -10.59
CA VAL A 267 8.39 -26.12 -11.86
C VAL A 267 9.26 -25.19 -12.68
N ALA A 268 10.28 -25.73 -13.34
CA ALA A 268 11.33 -24.86 -13.85
C ALA A 268 10.75 -23.82 -14.79
N ILE A 269 11.55 -22.79 -15.02
CA ILE A 269 11.04 -21.57 -15.63
C ILE A 269 10.37 -21.89 -16.96
N GLU A 270 11.07 -22.61 -17.82
CA GLU A 270 10.60 -22.72 -19.20
C GLU A 270 9.22 -23.35 -19.25
N GLN A 271 8.87 -24.17 -18.27
CA GLN A 271 7.50 -24.63 -18.16
C GLN A 271 6.54 -23.45 -18.17
N LEU A 272 6.92 -22.36 -17.49
CA LEU A 272 6.04 -21.22 -17.32
C LEU A 272 6.06 -20.32 -18.53
N LEU A 273 7.22 -20.11 -19.14
CA LEU A 273 7.24 -19.40 -20.40
C LEU A 273 6.24 -20.02 -21.37
N TYR A 274 6.31 -21.34 -21.54
CA TYR A 274 5.32 -22.01 -22.37
C TYR A 274 3.94 -21.67 -21.89
N ALA A 275 3.72 -21.82 -20.59
CA ALA A 275 2.41 -21.52 -20.04
C ALA A 275 1.96 -20.13 -20.44
N ILE A 276 2.86 -19.15 -20.41
CA ILE A 276 2.44 -17.79 -20.72
C ILE A 276 1.82 -17.72 -22.11
N GLN A 277 2.44 -18.41 -23.07
CA GLN A 277 1.92 -18.40 -24.43
C GLN A 277 0.49 -18.91 -24.49
N GLN A 278 0.24 -20.11 -23.95
CA GLN A 278 -1.11 -20.66 -24.00
C GLN A 278 -2.08 -19.85 -23.17
N LEU A 279 -1.59 -19.17 -22.13
CA LEU A 279 -2.43 -18.39 -21.23
C LEU A 279 -2.71 -16.99 -21.75
N TYR A 280 -1.79 -16.43 -22.54
CA TYR A 280 -2.02 -15.11 -23.13
C TYR A 280 -3.30 -15.09 -23.95
N THR A 281 -3.54 -16.14 -24.73
CA THR A 281 -4.81 -16.31 -25.42
C THR A 281 -5.97 -16.02 -24.49
N GLY A 282 -6.12 -16.86 -23.48
CA GLY A 282 -7.23 -16.75 -22.57
C GLY A 282 -7.12 -17.88 -21.60
N PHE A 283 -7.87 -17.76 -20.53
CA PHE A 283 -7.85 -18.71 -19.42
C PHE A 283 -8.91 -19.80 -19.56
N GLN A 284 -9.69 -19.76 -20.64
CA GLN A 284 -10.56 -20.86 -21.05
C GLN A 284 -11.39 -21.37 -19.87
N GLY A 285 -12.00 -20.44 -19.15
CA GLY A 285 -12.94 -20.75 -18.11
C GLY A 285 -12.38 -20.71 -16.70
N LYS A 286 -11.07 -20.81 -16.54
CA LYS A 286 -10.48 -21.01 -15.24
C LYS A 286 -9.90 -19.71 -14.68
N GLN A 287 -9.59 -19.73 -13.38
CA GLN A 287 -8.96 -18.61 -12.68
C GLN A 287 -7.51 -18.94 -12.35
N ILE A 288 -6.74 -17.89 -12.10
CA ILE A 288 -5.43 -18.01 -11.45
C ILE A 288 -5.36 -16.90 -10.41
N LEU A 289 -5.33 -17.28 -9.13
CA LEU A 289 -5.34 -16.31 -8.04
C LEU A 289 -6.42 -15.27 -8.29
N GLY A 290 -7.62 -15.75 -8.59
CA GLY A 290 -8.80 -14.91 -8.72
C GLY A 290 -8.78 -13.92 -9.86
N SER A 291 -8.07 -14.22 -10.93
CA SER A 291 -7.93 -13.31 -12.06
C SER A 291 -8.08 -14.12 -13.34
N THR A 292 -8.55 -13.46 -14.39
CA THR A 292 -8.65 -14.11 -15.68
C THR A 292 -7.70 -13.55 -16.71
N MET A 293 -6.97 -12.49 -16.37
CA MET A 293 -5.86 -11.99 -17.17
C MET A 293 -4.58 -12.23 -16.40
N LEU A 294 -3.45 -12.21 -17.13
CA LEU A 294 -2.13 -12.33 -16.50
C LEU A 294 -1.81 -11.06 -15.72
N GLU A 295 -1.10 -11.20 -14.60
CA GLU A 295 -0.71 -10.07 -13.73
C GLU A 295 0.80 -9.88 -13.77
N ASP A 296 1.25 -8.63 -14.00
CA ASP A 296 2.68 -8.36 -14.09
C ASP A 296 3.19 -7.33 -13.08
N GLU A 297 2.49 -7.05 -11.98
CA GLU A 297 2.97 -6.06 -11.01
C GLU A 297 3.49 -6.68 -9.72
N PHE A 298 3.69 -7.99 -9.69
CA PHE A 298 4.31 -8.68 -8.56
C PHE A 298 5.65 -9.23 -9.00
N THR A 299 6.70 -8.90 -8.21
CA THR A 299 8.05 -9.22 -8.62
C THR A 299 8.46 -10.56 -8.09
N PRO A 300 9.51 -11.15 -8.65
CA PRO A 300 10.12 -12.30 -7.99
C PRO A 300 10.32 -12.03 -6.51
N GLU A 301 10.81 -10.85 -6.19
CA GLU A 301 11.12 -10.53 -4.81
C GLU A 301 9.87 -10.44 -3.96
N ASP A 302 8.78 -9.84 -4.45
CA ASP A 302 7.56 -9.82 -3.64
C ASP A 302 7.12 -11.24 -3.29
N VAL A 303 7.25 -12.17 -4.22
CA VAL A 303 6.62 -13.46 -4.03
C VAL A 303 7.39 -14.25 -2.99
N ASN A 304 8.72 -14.30 -3.14
CA ASN A 304 9.58 -14.86 -2.10
C ASN A 304 9.30 -14.23 -0.76
N MET A 305 9.28 -12.89 -0.69
CA MET A 305 9.12 -12.24 0.60
C MET A 305 7.76 -12.56 1.22
N GLN A 306 6.71 -12.61 0.40
CA GLN A 306 5.36 -12.63 0.94
C GLN A 306 4.76 -14.02 1.13
N ILE A 307 5.29 -15.06 0.47
CA ILE A 307 4.80 -16.41 0.68
C ILE A 307 5.82 -17.34 1.34
N MET A 308 7.02 -16.84 1.66
CA MET A 308 7.98 -17.51 2.57
C MET A 308 7.33 -18.16 3.79
N HIS B 6 -8.43 5.36 -19.42
CA HIS B 6 -7.87 6.43 -18.49
C HIS B 6 -7.69 5.89 -17.10
N HIS B 7 -6.46 6.01 -16.57
CA HIS B 7 -6.11 5.55 -15.22
C HIS B 7 -6.76 6.46 -14.19
N SER B 8 -7.70 5.91 -13.42
CA SER B 8 -8.35 6.67 -12.35
C SER B 8 -7.36 7.35 -11.43
N GLY B 9 -6.26 6.66 -11.09
CA GLY B 9 -5.52 7.03 -9.92
C GLY B 9 -6.14 6.54 -8.65
N LEU B 10 -7.00 5.52 -8.73
CA LEU B 10 -7.64 4.93 -7.57
C LEU B 10 -6.87 3.68 -7.21
N VAL B 11 -6.04 3.78 -6.18
CA VAL B 11 -5.12 2.71 -5.82
C VAL B 11 -5.15 2.48 -4.31
N LYS B 12 -4.62 1.34 -3.89
CA LYS B 12 -4.51 1.03 -2.46
C LYS B 12 -3.42 1.89 -1.86
N MET B 13 -3.81 2.76 -0.97
CA MET B 13 -2.94 3.75 -0.36
C MET B 13 -2.93 3.55 1.16
N SER B 14 -1.75 3.57 1.79
CA SER B 14 -1.65 3.42 3.24
C SER B 14 -1.35 4.79 3.85
N HIS B 15 -1.60 4.95 5.14
CA HIS B 15 -1.05 6.13 5.81
C HIS B 15 0.47 6.01 5.95
N PRO B 16 1.20 7.12 5.98
CA PRO B 16 2.64 7.04 6.31
C PRO B 16 2.81 6.44 7.70
N SER B 17 3.75 5.50 7.81
CA SER B 17 3.84 4.63 8.96
C SER B 17 4.79 5.16 10.03
N GLY B 18 5.40 6.33 9.81
CA GLY B 18 6.46 6.79 10.70
C GLY B 18 6.01 6.94 12.16
N ASP B 19 4.88 7.61 12.38
CA ASP B 19 4.24 7.68 13.68
C ASP B 19 4.17 6.32 14.38
N VAL B 20 3.81 5.27 13.64
CA VAL B 20 3.63 3.95 14.26
C VAL B 20 4.93 3.17 14.38
N GLU B 21 5.88 3.38 13.45
CA GLU B 21 7.17 2.69 13.52
C GLU B 21 7.84 2.98 14.85
N ALA B 22 7.69 4.20 15.33
CA ALA B 22 8.37 4.59 16.55
C ALA B 22 7.70 4.01 17.79
N CYS B 23 6.56 3.36 17.67
CA CYS B 23 5.92 2.77 18.83
C CYS B 23 6.12 1.26 18.89
N MET B 24 6.88 0.68 17.97
CA MET B 24 6.94 -0.76 17.83
C MET B 24 8.13 -1.29 18.63
N VAL B 25 7.86 -2.31 19.43
CA VAL B 25 8.86 -2.99 20.19
C VAL B 25 8.68 -4.49 20.05
N GLN B 26 9.60 -5.22 20.66
CA GLN B 26 9.58 -6.66 20.73
C GLN B 26 9.32 -7.08 22.16
N VAL B 27 8.46 -8.06 22.35
CA VAL B 27 8.07 -8.53 23.66
C VAL B 27 8.38 -10.02 23.72
N THR B 28 9.12 -10.43 24.75
CA THR B 28 9.50 -11.81 24.85
C THR B 28 9.01 -12.35 26.17
N CYS B 29 8.52 -13.58 26.12
CA CYS B 29 8.07 -14.31 27.30
C CYS B 29 8.50 -15.76 27.13
N GLY B 30 9.60 -16.12 27.80
CA GLY B 30 10.24 -17.42 27.64
C GLY B 30 10.67 -17.69 26.22
N SER B 31 9.89 -18.53 25.55
CA SER B 31 10.17 -18.96 24.18
C SER B 31 9.39 -18.16 23.13
N MET B 32 8.27 -17.58 23.51
CA MET B 32 7.42 -16.90 22.57
C MET B 32 7.97 -15.49 22.32
N THR B 33 8.06 -15.09 21.07
CA THR B 33 8.39 -13.70 20.78
C THR B 33 7.42 -13.13 19.75
N LEU B 34 7.01 -11.89 20.01
CA LEU B 34 6.17 -11.20 19.04
C LEU B 34 6.29 -9.70 19.29
N ASN B 35 5.52 -8.95 18.53
CA ASN B 35 5.61 -7.50 18.53
C ASN B 35 4.69 -6.91 19.57
N GLY B 36 5.03 -5.71 20.03
CA GLY B 36 4.22 -5.00 20.97
C GLY B 36 4.13 -3.55 20.56
N LEU B 37 3.17 -2.83 21.16
CA LEU B 37 2.89 -1.43 20.84
C LEU B 37 3.14 -0.58 22.09
N TRP B 38 4.07 0.34 21.99
CA TRP B 38 4.53 1.12 23.13
C TRP B 38 4.00 2.54 23.06
N LEU B 39 3.03 2.84 23.91
CA LEU B 39 2.40 4.14 24.03
C LEU B 39 2.57 4.64 25.46
N ASP B 40 3.16 5.83 25.62
CA ASP B 40 3.41 6.42 26.93
C ASP B 40 4.06 5.32 27.75
N ASN B 41 3.52 4.94 28.93
CA ASN B 41 4.16 3.96 29.80
C ASN B 41 3.54 2.58 29.63
N THR B 42 2.92 2.34 28.51
CA THR B 42 2.20 1.08 28.32
C THR B 42 2.66 0.39 27.05
N VAL B 43 2.85 -0.91 27.14
CA VAL B 43 3.20 -1.79 26.03
C VAL B 43 2.07 -2.79 25.86
N TRP B 44 1.39 -2.77 24.70
CA TRP B 44 0.30 -3.71 24.42
C TRP B 44 0.78 -4.84 23.53
N CYS B 45 0.34 -6.08 23.80
CA CYS B 45 0.73 -7.18 22.92
C CYS B 45 -0.25 -8.31 23.09
N PRO B 46 -0.30 -9.25 22.14
CA PRO B 46 -1.22 -10.39 22.28
C PRO B 46 -0.83 -11.24 23.46
N ARG B 47 -1.85 -11.70 24.17
CA ARG B 47 -1.60 -12.44 25.40
C ARG B 47 -1.02 -13.84 25.15
N HIS B 48 -1.25 -14.45 23.99
CA HIS B 48 -0.69 -15.77 23.83
C HIS B 48 0.85 -15.77 23.81
N VAL B 49 1.50 -14.63 23.97
CA VAL B 49 2.94 -14.63 24.18
C VAL B 49 3.26 -15.36 25.48
N MET B 50 2.32 -15.34 26.42
CA MET B 50 2.44 -16.06 27.68
C MET B 50 2.35 -17.57 27.51
N CYS B 51 1.91 -18.02 26.42
CA CYS B 51 1.60 -19.43 26.37
C CYS B 51 2.76 -20.22 25.77
N PRO B 52 3.20 -21.29 26.42
CA PRO B 52 4.21 -22.16 25.80
C PRO B 52 3.64 -22.85 24.57
N ALA B 53 4.53 -23.21 23.64
CA ALA B 53 4.11 -23.76 22.36
C ALA B 53 3.12 -24.91 22.51
N ASP B 54 3.25 -25.71 23.57
CA ASP B 54 2.46 -26.92 23.75
C ASP B 54 1.04 -26.62 24.20
N GLN B 55 0.86 -25.74 25.20
CA GLN B 55 -0.43 -25.47 25.83
C GLN B 55 -1.34 -24.59 24.95
N LEU B 56 -0.94 -24.32 23.70
CA LEU B 56 -1.58 -23.31 22.85
C LEU B 56 -2.97 -23.71 22.32
N SER B 57 -3.43 -24.94 22.53
CA SER B 57 -4.68 -25.35 21.90
C SER B 57 -5.88 -25.25 22.82
N ASP B 58 -5.67 -25.23 24.11
CA ASP B 58 -6.59 -24.56 25.03
C ASP B 58 -5.71 -24.16 26.20
N PRO B 59 -5.29 -22.91 26.22
CA PRO B 59 -4.46 -22.45 27.34
C PRO B 59 -5.32 -21.81 28.41
N ASN B 60 -4.80 -21.82 29.63
CA ASN B 60 -5.49 -21.21 30.73
C ASN B 60 -4.80 -19.88 30.96
N TYR B 61 -5.28 -18.86 30.23
CA TYR B 61 -4.71 -17.53 30.34
C TYR B 61 -4.87 -16.93 31.73
N ASP B 62 -5.91 -17.29 32.48
CA ASP B 62 -6.02 -16.70 33.82
C ASP B 62 -4.90 -17.18 34.75
N ALA B 63 -4.34 -18.37 34.48
CA ALA B 63 -3.32 -18.98 35.33
C ALA B 63 -1.92 -18.74 34.83
N LEU B 64 -1.74 -18.65 33.51
CA LEU B 64 -0.49 -18.13 32.99
C LEU B 64 -0.24 -16.75 33.58
N LEU B 65 -1.26 -15.90 33.58
CA LEU B 65 -1.06 -14.54 34.07
C LEU B 65 -0.65 -14.51 35.53
N ILE B 66 -1.28 -15.31 36.38
CA ILE B 66 -0.92 -15.30 37.79
C ILE B 66 0.49 -15.83 37.99
N SER B 67 0.86 -16.89 37.27
CA SER B 67 2.17 -17.47 37.32
C SER B 67 3.26 -16.50 36.90
N MET B 68 2.91 -15.33 36.37
CA MET B 68 3.89 -14.41 35.83
C MET B 68 4.21 -13.33 36.85
N THR B 69 5.47 -12.90 36.83
CA THR B 69 5.97 -11.68 37.46
C THR B 69 6.33 -10.64 36.41
N ASN B 70 6.66 -9.45 36.92
CA ASN B 70 7.17 -8.39 36.08
C ASN B 70 8.44 -8.79 35.35
N HIS B 71 9.24 -9.68 35.92
CA HIS B 71 10.45 -10.13 35.22
C HIS B 71 10.17 -11.18 34.17
N SER B 72 8.94 -11.67 34.05
CA SER B 72 8.64 -12.68 33.05
C SER B 72 8.57 -12.13 31.62
N PHE B 73 8.61 -10.81 31.46
CA PHE B 73 8.48 -10.17 30.16
C PHE B 73 9.73 -9.38 29.85
N SER B 74 10.34 -9.64 28.71
CA SER B 74 11.38 -8.77 28.20
C SER B 74 10.80 -7.91 27.05
N VAL B 75 11.16 -6.64 27.05
CA VAL B 75 10.72 -5.67 26.05
C VAL B 75 11.92 -4.93 25.49
N GLN B 76 12.14 -5.04 24.19
CA GLN B 76 13.30 -4.42 23.55
C GLN B 76 12.81 -3.43 22.50
N LYS B 77 13.47 -2.27 22.43
CA LYS B 77 13.26 -1.28 21.36
C LYS B 77 14.46 -1.35 20.41
N HIS B 78 14.17 -1.57 19.11
CA HIS B 78 15.21 -1.58 18.06
C HIS B 78 15.10 -0.37 17.14
N ILE B 79 13.97 -0.21 16.47
CA ILE B 79 13.73 0.94 15.61
C ILE B 79 14.04 2.21 16.40
N ASN B 84 15.97 -1.88 25.37
CA ASN B 84 15.41 -2.65 26.51
C ASN B 84 14.76 -1.71 27.56
N LEU B 85 13.57 -2.13 28.00
CA LEU B 85 12.70 -1.34 28.86
C LEU B 85 12.28 -2.20 30.03
N ARG B 86 12.01 -1.55 31.15
CA ARG B 86 11.72 -2.25 32.38
C ARG B 86 10.22 -2.34 32.59
N VAL B 87 9.72 -3.56 32.69
CA VAL B 87 8.33 -3.83 33.04
C VAL B 87 8.14 -3.69 34.54
N VAL B 88 7.19 -2.87 34.95
CA VAL B 88 6.94 -2.61 36.36
C VAL B 88 5.50 -2.88 36.69
N GLY B 89 4.79 -3.50 35.75
CA GLY B 89 3.45 -3.94 35.99
C GLY B 89 2.95 -4.69 34.78
N HIS B 90 1.89 -5.46 35.00
CA HIS B 90 1.41 -6.41 34.02
C HIS B 90 -0.02 -6.72 34.37
N ALA B 91 -0.87 -6.76 33.35
CA ALA B 91 -2.31 -6.93 33.48
C ALA B 91 -2.82 -7.46 32.14
N MET B 92 -3.99 -8.09 32.21
CA MET B 92 -4.65 -8.68 31.06
C MET B 92 -5.94 -7.93 30.80
N GLN B 93 -6.19 -7.61 29.53
CA GLN B 93 -7.43 -6.97 29.07
C GLN B 93 -7.92 -7.75 27.84
N GLY B 94 -8.77 -8.74 28.12
CA GLY B 94 -9.32 -9.58 27.09
C GLY B 94 -8.25 -10.43 26.46
N THR B 95 -8.05 -10.26 25.15
CA THR B 95 -7.06 -11.04 24.43
C THR B 95 -5.71 -10.36 24.39
N LEU B 96 -5.55 -9.21 25.07
CA LEU B 96 -4.29 -8.51 25.03
C LEU B 96 -3.67 -8.39 26.42
N LEU B 97 -2.36 -8.13 26.45
CA LEU B 97 -1.64 -7.75 27.66
C LEU B 97 -1.45 -6.25 27.68
N LYS B 98 -1.57 -5.68 28.87
CA LYS B 98 -1.27 -4.29 29.12
C LYS B 98 -0.12 -4.27 30.14
N LEU B 99 1.10 -4.11 29.65
CA LEU B 99 2.31 -4.04 30.46
C LEU B 99 2.64 -2.59 30.76
N THR B 100 3.07 -2.32 31.98
CA THR B 100 3.56 -1.00 32.35
C THR B 100 5.08 -1.01 32.34
N VAL B 101 5.69 -0.01 31.70
CA VAL B 101 7.14 0.11 31.67
C VAL B 101 7.52 1.43 32.32
N ASP B 102 8.80 1.54 32.70
CA ASP B 102 9.24 2.66 33.53
C ASP B 102 9.77 3.82 32.74
N VAL B 103 9.52 3.86 31.45
CA VAL B 103 9.91 4.95 30.56
C VAL B 103 8.74 5.23 29.64
N ALA B 104 8.36 6.50 29.56
CA ALA B 104 7.29 6.91 28.69
C ALA B 104 7.85 6.99 27.27
N ASN B 105 7.18 6.35 26.31
CA ASN B 105 7.65 6.46 24.91
C ASN B 105 7.72 7.93 24.48
N PRO B 106 8.90 8.45 24.16
CA PRO B 106 9.02 9.88 23.81
C PRO B 106 8.41 10.23 22.46
N SER B 107 8.03 9.23 21.66
CA SER B 107 7.43 9.46 20.37
C SER B 107 5.97 9.03 20.32
N THR B 108 5.30 8.99 21.44
CA THR B 108 3.91 8.61 21.42
C THR B 108 3.10 9.62 20.58
N PRO B 109 2.34 9.16 19.59
CA PRO B 109 1.46 10.07 18.85
C PRO B 109 0.15 10.28 19.57
N ALA B 110 -0.52 11.40 19.27
CA ALA B 110 -1.89 11.56 19.73
C ALA B 110 -2.64 10.35 19.24
N TYR B 111 -3.50 9.77 20.07
CA TYR B 111 -4.11 8.50 19.67
C TYR B 111 -5.40 8.23 20.40
N THR B 112 -6.21 7.36 19.78
CA THR B 112 -7.46 6.85 20.31
C THR B 112 -7.52 5.35 20.06
N PHE B 113 -8.41 4.69 20.77
CA PHE B 113 -8.73 3.29 20.54
C PHE B 113 -10.19 3.26 20.07
N THR B 114 -10.40 2.93 18.80
CA THR B 114 -11.76 2.78 18.32
C THR B 114 -11.84 1.53 17.48
N THR B 115 -12.82 0.69 17.77
CA THR B 115 -13.06 -0.49 16.99
C THR B 115 -13.69 -0.11 15.67
N VAL B 116 -13.24 -0.73 14.59
CA VAL B 116 -13.80 -0.47 13.27
C VAL B 116 -14.89 -1.46 13.00
N LYS B 117 -15.80 -1.06 12.14
CA LYS B 117 -16.90 -1.89 11.69
C LYS B 117 -16.61 -2.41 10.27
N PRO B 118 -17.37 -3.40 9.82
CA PRO B 118 -17.11 -3.97 8.49
C PRO B 118 -17.21 -2.90 7.42
N GLY B 119 -16.36 -3.05 6.40
CA GLY B 119 -16.27 -2.13 5.29
C GLY B 119 -15.27 -1.01 5.49
N ALA B 120 -14.90 -0.70 6.73
CA ALA B 120 -13.88 0.31 6.96
C ALA B 120 -12.50 -0.20 6.55
N ALA B 121 -11.69 0.68 6.01
CA ALA B 121 -10.33 0.36 5.65
C ALA B 121 -9.41 0.92 6.71
N PHE B 122 -8.28 0.24 6.91
CA PHE B 122 -7.24 0.78 7.75
C PHE B 122 -5.90 0.27 7.25
N SER B 123 -4.84 0.94 7.72
CA SER B 123 -3.48 0.61 7.36
C SER B 123 -2.89 -0.35 8.37
N VAL B 124 -2.02 -1.24 7.88
CA VAL B 124 -1.33 -2.23 8.69
C VAL B 124 0.17 -2.03 8.55
N LEU B 125 0.87 -2.11 9.70
CA LEU B 125 2.34 -2.10 9.75
C LEU B 125 2.78 -3.51 10.16
N ALA B 126 3.20 -4.30 9.17
CA ALA B 126 3.62 -5.66 9.44
C ALA B 126 5.00 -5.63 10.07
N CYS B 127 5.16 -6.30 11.20
CA CYS B 127 6.37 -6.27 11.98
C CYS B 127 6.84 -7.64 12.40
N TYR B 128 8.17 -7.85 12.35
CA TYR B 128 8.79 -9.07 12.84
C TYR B 128 9.91 -8.74 13.82
N ASN B 129 9.83 -9.36 14.99
CA ASN B 129 10.78 -9.10 16.05
C ASN B 129 10.94 -7.61 16.28
N GLY B 130 9.82 -6.91 16.45
CA GLY B 130 9.89 -5.50 16.70
C GLY B 130 10.37 -4.63 15.54
N ARG B 131 10.73 -5.22 14.38
CA ARG B 131 11.23 -4.44 13.25
C ARG B 131 10.16 -4.27 12.17
N PRO B 132 9.68 -3.05 11.92
CA PRO B 132 8.73 -2.85 10.81
C PRO B 132 9.31 -3.29 9.47
N THR B 133 8.60 -4.20 8.80
CA THR B 133 9.03 -4.66 7.48
C THR B 133 8.15 -4.19 6.33
N GLY B 134 6.83 -4.02 6.51
CA GLY B 134 5.98 -3.56 5.41
C GLY B 134 4.71 -2.88 5.85
N THR B 135 4.08 -2.18 4.93
CA THR B 135 2.78 -1.61 5.22
C THR B 135 1.89 -1.81 4.00
N PHE B 136 0.61 -2.03 4.30
CA PHE B 136 -0.42 -2.29 3.30
C PHE B 136 -1.76 -1.91 3.94
N THR B 137 -2.75 -1.77 3.09
CA THR B 137 -4.10 -1.43 3.51
C THR B 137 -5.02 -2.62 3.32
N VAL B 138 -5.94 -2.78 4.26
CA VAL B 138 -6.91 -3.85 4.26
C VAL B 138 -8.30 -3.30 4.53
N VAL B 139 -9.30 -4.15 4.28
CA VAL B 139 -10.69 -3.84 4.59
C VAL B 139 -11.23 -4.90 5.54
N MET B 140 -11.79 -4.44 6.66
CA MET B 140 -12.44 -5.35 7.60
C MET B 140 -13.67 -5.93 6.92
N ARG B 141 -13.64 -7.22 6.63
CA ARG B 141 -14.75 -7.83 5.92
C ARG B 141 -15.95 -7.98 6.86
N PRO B 142 -17.13 -8.21 6.30
CA PRO B 142 -18.31 -8.45 7.13
C PRO B 142 -18.27 -9.75 7.90
N ASN B 143 -17.42 -10.70 7.52
CA ASN B 143 -17.15 -11.85 8.36
C ASN B 143 -16.06 -11.57 9.36
N TYR B 144 -15.68 -10.30 9.53
CA TYR B 144 -14.71 -9.85 10.52
C TYR B 144 -13.34 -10.48 10.27
N THR B 145 -12.97 -10.60 8.99
CA THR B 145 -11.61 -10.98 8.63
C THR B 145 -11.01 -9.97 7.68
N ILE B 146 -9.68 -10.02 7.58
CA ILE B 146 -8.96 -9.16 6.66
C ILE B 146 -8.05 -10.05 5.84
N LYS B 147 -7.63 -9.52 4.71
CA LYS B 147 -6.68 -10.24 3.88
C LYS B 147 -5.24 -9.88 4.22
N GLY B 148 -4.51 -9.24 3.32
CA GLY B 148 -3.17 -8.89 3.70
C GLY B 148 -2.19 -10.05 3.75
N SER B 149 -1.02 -9.74 4.32
CA SER B 149 0.14 -10.64 4.31
C SER B 149 0.77 -10.65 5.70
N PHE B 150 0.69 -11.81 6.36
CA PHE B 150 1.19 -12.04 7.72
C PHE B 150 1.84 -13.42 7.78
N LEU B 151 3.03 -13.48 8.33
CA LEU B 151 3.80 -14.72 8.40
C LEU B 151 4.03 -15.07 9.85
N CYS B 152 4.68 -16.21 10.08
CA CYS B 152 5.14 -16.51 11.42
C CYS B 152 5.93 -15.31 11.95
N GLY B 153 5.56 -14.86 13.15
CA GLY B 153 6.21 -13.78 13.84
C GLY B 153 5.48 -12.45 13.78
N SER B 154 4.37 -12.36 13.03
CA SER B 154 3.75 -11.07 12.78
C SER B 154 2.79 -10.64 13.89
N CYS B 155 2.45 -11.54 14.81
CA CYS B 155 1.49 -11.16 15.83
C CYS B 155 1.95 -9.92 16.58
N GLY B 156 1.00 -9.11 17.00
CA GLY B 156 1.24 -7.82 17.56
C GLY B 156 1.37 -6.74 16.52
N SER B 157 1.53 -7.08 15.24
CA SER B 157 1.47 -6.04 14.22
C SER B 157 0.13 -5.32 14.33
N VAL B 158 0.11 -4.02 14.03
CA VAL B 158 -1.05 -3.22 14.38
C VAL B 158 -1.59 -2.51 13.16
N GLY B 159 -2.89 -2.23 13.21
CA GLY B 159 -3.57 -1.53 12.14
C GLY B 159 -4.18 -0.28 12.73
N TYR B 160 -4.29 0.77 11.89
CA TYR B 160 -4.58 2.12 12.35
C TYR B 160 -5.05 2.98 11.18
N THR B 161 -5.87 3.97 11.49
CA THR B 161 -6.10 5.12 10.63
C THR B 161 -5.59 6.39 11.30
N LYS B 162 -5.75 7.50 10.60
CA LYS B 162 -5.30 8.81 11.05
C LYS B 162 -6.27 9.87 10.60
N GLU B 163 -6.85 10.58 11.57
CA GLU B 163 -7.75 11.70 11.31
C GLU B 163 -7.08 12.94 11.92
N GLY B 164 -6.57 13.80 11.08
CA GLY B 164 -5.91 14.97 11.61
C GLY B 164 -4.60 14.50 12.16
N SER B 165 -4.32 14.89 13.42
CA SER B 165 -3.12 14.47 14.11
C SER B 165 -3.32 13.23 14.97
N VAL B 166 -4.52 12.67 14.98
CA VAL B 166 -4.89 11.59 15.91
C VAL B 166 -4.85 10.27 15.16
N ILE B 167 -3.94 9.38 15.57
CA ILE B 167 -3.99 7.99 15.13
C ILE B 167 -5.12 7.28 15.88
N ASN B 168 -5.96 6.56 15.17
CA ASN B 168 -6.87 5.64 15.83
C ASN B 168 -6.29 4.23 15.65
N PHE B 169 -5.85 3.63 16.74
CA PHE B 169 -5.42 2.23 16.72
C PHE B 169 -6.65 1.34 16.75
N CYS B 170 -6.73 0.38 15.82
CA CYS B 170 -7.93 -0.42 15.70
C CYS B 170 -7.65 -1.90 15.57
N TYR B 171 -6.40 -2.31 15.41
CA TYR B 171 -6.21 -3.74 15.21
C TYR B 171 -4.85 -4.15 15.73
N MET B 172 -4.80 -5.33 16.35
CA MET B 172 -3.55 -5.96 16.74
C MET B 172 -3.60 -7.42 16.34
N HIS B 173 -2.71 -7.81 15.45
CA HIS B 173 -2.84 -9.08 14.77
C HIS B 173 -2.68 -10.26 15.70
N GLN B 174 -3.50 -11.30 15.48
CA GLN B 174 -3.50 -12.48 16.35
C GLN B 174 -3.37 -13.81 15.62
N MET B 175 -3.93 -13.93 14.41
CA MET B 175 -4.02 -15.26 13.83
C MET B 175 -4.37 -15.23 12.34
N GLU B 176 -4.08 -16.36 11.72
CA GLU B 176 -4.46 -16.67 10.36
C GLU B 176 -5.49 -17.81 10.37
N LEU B 177 -6.48 -17.75 9.48
CA LEU B 177 -7.44 -18.82 9.37
C LEU B 177 -7.04 -19.77 8.26
N ALA B 178 -7.79 -20.86 8.14
CA ALA B 178 -7.49 -21.89 7.16
C ALA B 178 -7.64 -21.37 5.73
N ASN B 179 -8.63 -20.49 5.49
CA ASN B 179 -8.76 -19.93 4.15
C ASN B 179 -7.72 -18.84 3.84
N GLY B 180 -6.75 -18.62 4.74
CA GLY B 180 -5.64 -17.73 4.48
C GLY B 180 -5.85 -16.30 4.89
N THR B 181 -7.03 -15.97 5.37
CA THR B 181 -7.31 -14.64 5.88
C THR B 181 -6.94 -14.60 7.35
N HIS B 182 -7.06 -13.42 7.94
CA HIS B 182 -6.47 -13.14 9.22
C HIS B 182 -7.47 -12.42 10.10
N THR B 183 -7.21 -12.45 11.40
CA THR B 183 -7.96 -11.60 12.30
C THR B 183 -7.15 -11.32 13.56
N GLY B 184 -7.65 -10.39 14.35
CA GLY B 184 -7.04 -10.00 15.59
C GLY B 184 -8.05 -9.22 16.42
N SER B 185 -7.54 -8.43 17.38
CA SER B 185 -8.40 -7.75 18.34
C SER B 185 -8.33 -6.24 18.20
N ALA B 186 -9.38 -5.61 18.74
CA ALA B 186 -9.39 -4.19 18.98
C ALA B 186 -8.64 -3.94 20.29
N PHE B 187 -8.20 -2.72 20.50
CA PHE B 187 -7.44 -2.39 21.69
C PHE B 187 -8.27 -2.26 22.95
N ASP B 188 -9.56 -2.58 22.87
CA ASP B 188 -10.33 -2.78 24.08
C ASP B 188 -10.28 -4.22 24.53
N GLY B 189 -9.54 -5.06 23.79
CA GLY B 189 -9.29 -6.43 24.16
C GLY B 189 -10.11 -7.46 23.40
N THR B 190 -11.23 -7.06 22.83
CA THR B 190 -12.11 -7.98 22.10
C THR B 190 -11.48 -8.43 20.79
N MET B 191 -11.80 -9.65 20.40
CA MET B 191 -11.36 -10.19 19.12
C MET B 191 -12.39 -9.85 18.05
N TYR B 192 -11.95 -9.38 16.89
CA TYR B 192 -12.94 -9.16 15.83
C TYR B 192 -13.56 -10.49 15.46
N GLY B 193 -14.89 -10.49 15.33
CA GLY B 193 -15.55 -11.72 14.99
C GLY B 193 -15.65 -12.71 16.13
N ALA B 194 -15.25 -12.33 17.33
CA ALA B 194 -15.35 -13.21 18.49
C ALA B 194 -14.55 -14.48 18.33
N PHE B 195 -13.64 -14.54 17.35
CA PHE B 195 -12.74 -15.67 17.29
C PHE B 195 -12.02 -15.83 18.63
N MET B 196 -11.44 -17.00 18.88
CA MET B 196 -10.68 -17.20 20.10
C MET B 196 -9.20 -17.30 19.76
N ASP B 197 -8.38 -16.79 20.69
CA ASP B 197 -6.93 -16.93 20.64
C ASP B 197 -6.54 -18.27 21.25
N LYS B 198 -7.06 -19.31 20.64
CA LYS B 198 -6.66 -20.68 20.87
C LYS B 198 -6.22 -21.21 19.52
N GLN B 199 -5.30 -22.14 19.51
CA GLN B 199 -4.84 -22.75 18.28
C GLN B 199 -5.76 -23.92 17.96
N VAL B 200 -6.94 -23.61 17.43
CA VAL B 200 -7.89 -24.63 17.02
C VAL B 200 -8.52 -24.17 15.72
N HIS B 201 -8.93 -25.15 14.91
CA HIS B 201 -9.66 -24.86 13.68
C HIS B 201 -10.97 -24.15 14.00
N GLN B 202 -11.12 -22.95 13.46
CA GLN B 202 -12.29 -22.11 13.69
C GLN B 202 -12.76 -21.64 12.34
N VAL B 203 -14.06 -21.75 12.09
CA VAL B 203 -14.63 -21.46 10.79
C VAL B 203 -15.24 -20.06 10.82
N GLN B 204 -14.96 -19.28 9.78
CA GLN B 204 -15.49 -17.93 9.70
C GLN B 204 -16.84 -17.94 9.00
N LEU B 205 -17.68 -16.98 9.37
CA LEU B 205 -18.96 -16.73 8.70
C LEU B 205 -18.79 -16.44 7.20
N THR B 206 -19.92 -16.53 6.50
CA THR B 206 -20.01 -16.20 5.08
C THR B 206 -19.67 -14.74 4.82
N ASP B 207 -18.89 -14.51 3.76
CA ASP B 207 -18.58 -13.14 3.42
C ASP B 207 -19.82 -12.47 2.80
N LYS B 208 -19.73 -11.16 2.61
CA LYS B 208 -20.69 -10.39 1.84
C LYS B 208 -19.98 -9.23 1.16
N TYR B 209 -20.63 -8.66 0.14
CA TYR B 209 -20.18 -7.43 -0.50
C TYR B 209 -20.55 -6.23 0.34
N CYS B 210 -19.62 -5.26 0.46
CA CYS B 210 -19.86 -4.05 1.25
C CYS B 210 -20.52 -3.00 0.35
N SER B 211 -21.85 -2.88 0.49
CA SER B 211 -22.62 -2.05 -0.44
C SER B 211 -22.11 -0.63 -0.47
N VAL B 212 -21.77 -0.06 0.68
CA VAL B 212 -21.35 1.35 0.65
C VAL B 212 -20.06 1.51 -0.16
N ASN B 213 -19.16 0.52 -0.09
CA ASN B 213 -17.91 0.69 -0.84
C ASN B 213 -18.15 0.52 -2.33
N VAL B 214 -19.05 -0.38 -2.69
CA VAL B 214 -19.36 -0.61 -4.08
C VAL B 214 -19.92 0.66 -4.70
N VAL B 215 -20.82 1.32 -3.97
CA VAL B 215 -21.33 2.61 -4.41
C VAL B 215 -20.17 3.57 -4.64
N ALA B 216 -19.27 3.66 -3.67
CA ALA B 216 -18.13 4.55 -3.78
C ALA B 216 -17.37 4.28 -5.05
N TRP B 217 -17.13 3.01 -5.33
CA TRP B 217 -16.40 2.65 -6.54
C TRP B 217 -17.15 3.11 -7.79
N LEU B 218 -18.47 2.96 -7.79
CA LEU B 218 -19.21 3.38 -8.97
C LEU B 218 -19.20 4.89 -9.09
N TYR B 219 -19.21 5.62 -7.98
CA TYR B 219 -19.02 7.05 -8.11
C TYR B 219 -17.65 7.34 -8.70
N ALA B 220 -16.64 6.61 -8.24
CA ALA B 220 -15.30 6.79 -8.76
C ALA B 220 -15.26 6.57 -10.25
N ALA B 221 -15.96 5.54 -10.74
CA ALA B 221 -16.06 5.32 -12.18
C ALA B 221 -16.68 6.50 -12.89
N ILE B 222 -17.79 7.02 -12.36
CA ILE B 222 -18.44 8.17 -12.99
C ILE B 222 -17.48 9.36 -13.08
N LEU B 223 -16.71 9.62 -12.00
CA LEU B 223 -15.76 10.73 -12.02
C LEU B 223 -14.67 10.50 -13.05
N ASN B 224 -14.32 9.25 -13.32
CA ASN B 224 -13.33 8.92 -14.33
C ASN B 224 -13.90 8.91 -15.73
N GLY B 225 -15.19 9.28 -15.93
CA GLY B 225 -15.76 9.38 -17.26
C GLY B 225 -16.56 8.17 -17.71
N CYS B 226 -16.48 7.09 -16.98
CA CYS B 226 -17.02 5.78 -17.35
C CYS B 226 -18.35 5.66 -16.63
N ALA B 227 -19.42 6.14 -17.27
CA ALA B 227 -20.72 6.24 -16.64
C ALA B 227 -21.78 5.44 -17.39
N TRP B 228 -21.34 4.55 -18.28
CA TRP B 228 -22.30 3.90 -19.15
C TRP B 228 -23.36 3.13 -18.38
N PHE B 229 -23.16 2.85 -17.10
CA PHE B 229 -24.04 1.99 -16.32
C PHE B 229 -25.14 2.75 -15.59
N VAL B 230 -25.16 4.07 -15.68
CA VAL B 230 -26.12 4.91 -14.96
C VAL B 230 -27.40 5.05 -15.78
N LYS B 231 -28.52 4.66 -15.20
CA LYS B 231 -29.84 4.83 -15.79
C LYS B 231 -30.68 5.73 -14.87
N PRO B 232 -31.78 6.29 -15.37
CA PRO B 232 -32.68 7.05 -14.48
C PRO B 232 -33.20 6.23 -13.35
N ASN B 233 -33.33 4.93 -13.57
CA ASN B 233 -34.00 4.07 -12.63
C ASN B 233 -33.32 4.13 -11.27
N ARG B 234 -34.12 3.91 -10.25
CA ARG B 234 -33.69 4.07 -8.89
C ARG B 234 -34.26 2.91 -8.09
N THR B 235 -33.54 2.53 -7.05
CA THR B 235 -34.03 1.62 -6.02
C THR B 235 -33.73 2.24 -4.68
N SER B 236 -34.72 2.23 -3.79
CA SER B 236 -34.60 3.02 -2.58
C SER B 236 -33.72 2.33 -1.56
N VAL B 237 -33.26 3.10 -0.59
CA VAL B 237 -32.36 2.55 0.42
C VAL B 237 -33.04 1.37 1.12
N VAL B 238 -34.23 1.61 1.67
CA VAL B 238 -34.97 0.56 2.36
C VAL B 238 -35.13 -0.64 1.46
N SER B 239 -35.51 -0.38 0.23
CA SER B 239 -35.83 -1.47 -0.67
C SER B 239 -34.56 -2.20 -1.09
N PHE B 240 -33.43 -1.49 -1.16
CA PHE B 240 -32.17 -2.13 -1.48
C PHE B 240 -31.71 -3.06 -0.35
N ASN B 241 -31.86 -2.63 0.90
CA ASN B 241 -31.36 -3.44 2.02
C ASN B 241 -32.11 -4.76 2.16
N GLU B 242 -33.42 -4.78 1.89
CA GLU B 242 -34.11 -6.05 1.99
C GLU B 242 -33.76 -6.95 0.82
N TRP B 243 -33.49 -6.37 -0.35
CA TRP B 243 -32.89 -7.18 -1.41
C TRP B 243 -31.49 -7.64 -1.02
N ALA B 244 -30.74 -6.83 -0.27
CA ALA B 244 -29.38 -7.20 0.13
C ALA B 244 -29.36 -8.49 0.96
N LEU B 245 -30.18 -8.53 2.01
CA LEU B 245 -30.34 -9.69 2.88
C LEU B 245 -30.31 -11.01 2.11
N ALA B 246 -30.99 -11.05 0.98
CA ALA B 246 -31.16 -12.29 0.24
C ALA B 246 -30.13 -12.48 -0.86
N ASN B 247 -29.19 -11.55 -1.02
CA ASN B 247 -28.25 -11.62 -2.14
C ASN B 247 -26.80 -11.35 -1.73
N GLN B 248 -26.50 -11.44 -0.44
CA GLN B 248 -25.13 -11.46 0.07
C GLN B 248 -24.49 -10.08 0.02
N PHE B 249 -25.26 -9.06 0.44
CA PHE B 249 -24.80 -7.70 0.52
C PHE B 249 -25.15 -7.16 1.89
N THR B 250 -24.39 -6.17 2.33
CA THR B 250 -24.66 -5.58 3.62
C THR B 250 -25.72 -4.49 3.49
N GLU B 251 -26.33 -4.17 4.62
CA GLU B 251 -27.13 -2.97 4.70
C GLU B 251 -26.34 -1.81 4.14
N PHE B 252 -26.98 -1.00 3.30
CA PHE B 252 -26.42 0.29 2.92
C PHE B 252 -26.82 1.33 3.96
N VAL B 253 -25.83 2.05 4.46
CA VAL B 253 -26.03 3.23 5.29
C VAL B 253 -25.26 4.39 4.69
N GLY B 254 -25.94 5.49 4.41
CA GLY B 254 -25.29 6.65 3.85
C GLY B 254 -24.42 7.37 4.87
N THR B 255 -23.51 8.20 4.36
CA THR B 255 -22.60 9.01 5.17
C THR B 255 -22.42 10.34 4.46
N GLN B 256 -21.90 11.34 5.17
CA GLN B 256 -21.58 12.59 4.50
C GLN B 256 -20.56 12.38 3.40
N SER B 257 -19.80 11.30 3.48
CA SER B 257 -18.74 11.11 2.50
C SER B 257 -19.32 10.67 1.17
N VAL B 258 -20.24 9.70 1.23
CA VAL B 258 -21.03 9.32 0.05
C VAL B 258 -21.77 10.51 -0.50
N ASP B 259 -22.35 11.33 0.37
CA ASP B 259 -23.17 12.46 -0.08
C ASP B 259 -22.37 13.42 -0.93
N MET B 260 -21.10 13.63 -0.57
CA MET B 260 -20.29 14.53 -1.40
C MET B 260 -20.13 13.97 -2.79
N LEU B 261 -19.99 12.66 -2.91
CA LEU B 261 -19.84 12.07 -4.22
C LEU B 261 -21.12 12.26 -5.04
N ALA B 262 -22.28 12.01 -4.42
CA ALA B 262 -23.55 12.29 -5.10
C ALA B 262 -23.63 13.74 -5.52
N VAL B 263 -23.31 14.67 -4.60
CA VAL B 263 -23.43 16.10 -4.95
C VAL B 263 -22.52 16.40 -6.13
N LYS B 264 -21.28 15.91 -6.08
CA LYS B 264 -20.32 16.24 -7.13
C LYS B 264 -20.74 15.67 -8.47
N THR B 265 -21.19 14.41 -8.52
CA THR B 265 -21.47 13.80 -9.82
C THR B 265 -22.84 14.18 -10.36
N GLY B 266 -23.76 14.50 -9.48
CA GLY B 266 -25.12 14.67 -9.87
C GLY B 266 -25.91 13.39 -9.91
N VAL B 267 -25.31 12.26 -9.54
CA VAL B 267 -25.96 10.95 -9.59
C VAL B 267 -26.35 10.54 -8.19
N ALA B 268 -27.61 10.17 -8.00
CA ALA B 268 -28.07 9.91 -6.65
C ALA B 268 -27.69 8.50 -6.21
N ILE B 269 -27.59 8.35 -4.90
CA ILE B 269 -27.32 7.05 -4.32
C ILE B 269 -28.24 6.01 -4.92
N GLU B 270 -29.55 6.29 -4.88
CA GLU B 270 -30.55 5.32 -5.31
C GLU B 270 -30.42 4.94 -6.80
N GLN B 271 -29.89 5.80 -7.66
CA GLN B 271 -29.56 5.29 -8.99
C GLN B 271 -28.47 4.23 -8.93
N LEU B 272 -27.44 4.39 -8.07
CA LEU B 272 -26.39 3.39 -8.04
C LEU B 272 -26.83 2.12 -7.33
N LEU B 273 -27.75 2.22 -6.37
CA LEU B 273 -28.31 1.01 -5.77
C LEU B 273 -29.09 0.20 -6.80
N TYR B 274 -29.82 0.86 -7.69
CA TYR B 274 -30.45 0.14 -8.80
C TYR B 274 -29.39 -0.48 -9.70
N ALA B 275 -28.36 0.30 -10.06
CA ALA B 275 -27.32 -0.28 -10.91
C ALA B 275 -26.68 -1.51 -10.26
N ILE B 276 -26.58 -1.54 -8.94
CA ILE B 276 -25.93 -2.68 -8.30
C ILE B 276 -26.75 -3.94 -8.47
N GLN B 277 -28.08 -3.83 -8.38
CA GLN B 277 -28.96 -4.99 -8.61
C GLN B 277 -28.81 -5.53 -10.03
N GLN B 278 -28.59 -4.65 -11.00
CA GLN B 278 -28.37 -5.10 -12.36
C GLN B 278 -26.95 -5.59 -12.62
N LEU B 279 -25.92 -5.01 -11.98
CA LEU B 279 -24.55 -5.40 -12.30
C LEU B 279 -24.10 -6.64 -11.56
N TYR B 280 -24.80 -7.00 -10.47
CA TYR B 280 -24.53 -8.21 -9.70
C TYR B 280 -24.47 -9.47 -10.55
N THR B 281 -25.33 -9.57 -11.55
CA THR B 281 -25.38 -10.75 -12.39
C THR B 281 -24.33 -10.74 -13.52
N GLY B 282 -23.40 -9.77 -13.50
CA GLY B 282 -22.39 -9.65 -14.55
C GLY B 282 -22.43 -8.34 -15.32
N PHE B 283 -21.32 -7.99 -15.99
CA PHE B 283 -21.28 -6.79 -16.82
C PHE B 283 -21.56 -7.04 -18.30
N GLN B 284 -21.71 -8.29 -18.71
CA GLN B 284 -22.11 -8.60 -20.08
C GLN B 284 -21.14 -8.00 -21.09
N GLY B 285 -19.85 -8.18 -20.82
CA GLY B 285 -18.81 -7.81 -21.73
C GLY B 285 -18.23 -6.44 -21.48
N LYS B 286 -18.84 -5.63 -20.62
CA LYS B 286 -18.30 -4.31 -20.35
C LYS B 286 -17.39 -4.36 -19.11
N GLN B 287 -16.52 -3.37 -19.03
CA GLN B 287 -15.67 -3.21 -17.87
C GLN B 287 -16.05 -1.93 -17.12
N ILE B 288 -15.57 -1.83 -15.89
CA ILE B 288 -15.68 -0.63 -15.06
C ILE B 288 -14.36 -0.47 -14.31
N LEU B 289 -13.63 0.61 -14.57
CA LEU B 289 -12.39 0.88 -13.86
C LEU B 289 -11.49 -0.36 -13.92
N GLY B 290 -11.49 -1.00 -15.09
CA GLY B 290 -10.70 -2.17 -15.36
C GLY B 290 -11.28 -3.50 -14.89
N SER B 291 -12.42 -3.51 -14.21
CA SER B 291 -12.94 -4.72 -13.59
C SER B 291 -14.16 -5.24 -14.35
N THR B 292 -14.39 -6.54 -14.24
CA THR B 292 -15.58 -7.18 -14.77
C THR B 292 -16.48 -7.64 -13.65
N MET B 293 -16.11 -7.36 -12.41
CA MET B 293 -16.95 -7.62 -11.27
C MET B 293 -16.85 -6.42 -10.35
N LEU B 294 -17.76 -6.34 -9.41
CA LEU B 294 -17.81 -5.19 -8.52
C LEU B 294 -16.67 -5.22 -7.50
N GLU B 295 -16.12 -4.04 -7.23
CA GLU B 295 -15.07 -3.82 -6.22
C GLU B 295 -15.70 -3.21 -5.00
N ASP B 296 -15.38 -3.75 -3.82
CA ASP B 296 -15.97 -3.25 -2.59
C ASP B 296 -14.91 -2.95 -1.55
N GLU B 297 -13.67 -2.74 -1.96
CA GLU B 297 -12.58 -2.49 -1.01
C GLU B 297 -12.02 -1.09 -1.11
N PHE B 298 -12.69 -0.21 -1.87
CA PHE B 298 -12.43 1.22 -1.81
C PHE B 298 -13.61 1.94 -1.16
N THR B 299 -13.32 2.85 -0.25
CA THR B 299 -14.33 3.51 0.56
C THR B 299 -14.74 4.83 -0.01
N PRO B 300 -15.87 5.34 0.43
CA PRO B 300 -16.21 6.72 0.09
C PRO B 300 -15.05 7.64 0.36
N GLU B 301 -14.40 7.49 1.51
CA GLU B 301 -13.31 8.38 1.86
C GLU B 301 -12.16 8.21 0.87
N ASP B 302 -11.89 6.96 0.49
CA ASP B 302 -10.87 6.73 -0.52
C ASP B 302 -11.16 7.54 -1.76
N VAL B 303 -12.41 7.52 -2.23
CA VAL B 303 -12.69 8.14 -3.52
C VAL B 303 -12.60 9.64 -3.39
N ASN B 304 -13.13 10.21 -2.30
CA ASN B 304 -12.99 11.66 -2.14
C ASN B 304 -11.52 12.06 -2.11
N MET B 305 -10.67 11.30 -1.44
CA MET B 305 -9.26 11.67 -1.37
C MET B 305 -8.58 11.55 -2.72
N GLN B 306 -8.76 10.44 -3.43
CA GLN B 306 -7.90 10.11 -4.56
C GLN B 306 -8.35 10.67 -5.91
N ILE B 307 -9.63 11.00 -6.05
CA ILE B 307 -10.13 11.69 -7.23
C ILE B 307 -10.57 13.11 -6.91
N MET B 308 -11.15 13.31 -5.70
CA MET B 308 -11.71 14.55 -5.14
C MET B 308 -13.07 14.91 -5.80
C02 QZ7 C . -3.00 16.90 -18.08
C04 QZ7 C . -2.57 17.11 -16.58
C05 QZ7 C . -1.34 17.94 -16.40
C06 QZ7 C . -0.13 17.61 -17.35
C08 QZ7 C . 1.47 18.43 -15.92
C10 QZ7 C . 2.97 19.46 -14.49
C11 QZ7 C . 3.90 20.62 -14.63
C12 QZ7 C . 4.87 20.54 -15.83
C13 QZ7 C . 5.85 19.35 -15.70
C14 QZ7 C . 5.71 21.78 -15.96
C15 QZ7 C . 2.33 19.47 -13.11
C17 QZ7 C . 2.17 18.50 -10.87
C18 QZ7 C . 1.68 17.03 -10.66
C19 QZ7 C . 0.48 16.70 -11.55
C20 QZ7 C . 0.00 15.32 -11.34
C22 QZ7 C . -1.94 16.61 -11.48
C23 QZ7 C . -0.77 17.54 -11.27
C25 QZ7 C . 3.23 18.96 -9.82
C29 QZ7 C . -0.54 17.50 -18.80
C30 QZ7 C . -1.80 16.71 -19.11
F01 QZ7 C . -3.85 15.82 -18.18
F03 QZ7 C . -3.81 17.96 -18.45
N09 QZ7 C . 1.93 19.54 -15.41
N16 QZ7 C . 2.75 18.58 -12.20
N21 QZ7 C . -1.38 15.29 -11.33
O07 QZ7 C . 0.80 18.58 -17.09
O24 QZ7 C . 0.67 14.31 -11.25
O26 QZ7 C . 2.59 18.76 -8.54
O27 QZ7 C . 1.41 20.24 -12.85
O28 QZ7 C . 1.65 17.34 -15.40
C02 QZ7 D . -2.93 -22.38 9.68
C04 QZ7 D . -2.13 -21.10 9.95
C05 QZ7 D . -1.81 -21.00 11.40
C06 QZ7 D . -3.07 -20.80 12.25
C08 QZ7 D . -2.64 -19.35 14.05
C10 QZ7 D . -2.08 -18.14 16.04
C11 QZ7 D . -1.84 -18.43 17.52
C12 QZ7 D . -3.07 -18.85 18.34
C13 QZ7 D . -4.12 -17.75 18.34
C14 QZ7 D . -2.77 -19.07 19.81
C15 QZ7 D . -0.78 -17.66 15.41
C17 QZ7 D . 0.69 -15.82 14.63
C18 QZ7 D . 0.55 -15.21 13.18
C19 QZ7 D . 0.06 -16.25 12.08
C20 QZ7 D . -0.26 -15.58 10.72
C22 QZ7 D . 0.93 -17.55 10.10
C23 QZ7 D . 1.11 -17.33 11.64
C25 QZ7 D . 1.31 -14.82 15.76
C29 QZ7 D . -4.09 -21.97 12.01
C30 QZ7 D . -4.23 -22.54 10.61
F01 QZ7 D . -3.29 -22.38 8.36
F03 QZ7 D . -2.09 -23.46 9.77
N09 QZ7 D . -2.48 -19.33 15.35
N16 QZ7 D . -0.56 -16.30 15.19
N21 QZ7 D . 0.25 -16.34 9.65
O07 QZ7 D . -2.60 -20.60 13.55
O24 QZ7 D . -0.86 -14.55 10.53
O26 QZ7 D . 2.52 -14.28 15.25
O27 QZ7 D . 0.04 -18.49 15.04
O28 QZ7 D . -2.83 -18.36 13.33
#